data_8UG3
#
_entry.id   8UG3
#
_cell.length_a   82.214
_cell.length_b   85.796
_cell.length_c   135.911
_cell.angle_alpha   90.00
_cell.angle_beta   90.00
_cell.angle_gamma   90.00
#
_symmetry.space_group_name_H-M   'P 21 21 21'
#
loop_
_entity.id
_entity.type
_entity.pdbx_description
1 polymer Ketohexokinase
2 non-polymer 2-[(4P)-4-{2-[(2S)-2-methylazetidin-1-yl]-6-(trifluoromethyl)pyrimidin-4-yl}-1H-pyrazol-1-yl]-1-(piperazin-1-yl)ethan-1-one
3 non-polymer 'SULFATE ION'
4 non-polymer GLYCEROL
5 water water
#
_entity_poly.entity_id   1
_entity_poly.type   'polypeptide(L)'
_entity_poly.pdbx_seq_one_letter_code
;MSLGSSHHHHHHSSGLVPRGSQILCVGLVVLDVISLVDKYPKEDSEIRCLSQRWQRGGNASNSCTVLSLLGAPCAFMGSM
APGHVADFLVADFRRRGVDVSQVAWQSKGDTPSSCCIINNSNGNRTIVLHDTSLPDVSATDFEKVDLTQFKWIHIEGRNA
SEQVKMLQRIDAHNTRQPPEQKIRVSVEVEKPREELFQLFGYGDVVFVSKDVAKHLGFQSAEEALRGLYGRVRKGAVLVC
AWAEEGADALGPDGKLLHSDAFPPPRVVDTLGAGDTFNASVIFSLSQGRSVQEALRFGCQVAGKKCGLQGFDGIV
;
_entity_poly.pdbx_strand_id   A,B
#
# COMPACT_ATOMS: atom_id res chain seq x y z
N PRO A 18 -28.63 24.76 6.37
CA PRO A 18 -28.98 23.58 5.55
C PRO A 18 -30.31 23.67 4.81
N ARG A 19 -30.45 24.66 3.91
CA ARG A 19 -31.60 24.86 3.03
C ARG A 19 -31.12 25.14 1.60
N GLY A 20 -31.14 24.13 0.73
CA GLY A 20 -30.45 24.17 -0.55
C GLY A 20 -29.03 24.78 -0.48
N SER A 21 -28.20 24.37 0.49
CA SER A 21 -26.95 25.09 0.74
C SER A 21 -25.70 24.23 0.48
N GLN A 22 -25.88 22.92 0.31
CA GLN A 22 -24.79 21.96 0.29
C GLN A 22 -24.63 21.40 -1.12
N ILE A 23 -23.44 20.87 -1.44
CA ILE A 23 -23.28 20.06 -2.64
C ILE A 23 -23.12 18.60 -2.24
N LEU A 24 -23.79 17.69 -2.95
CA LEU A 24 -23.62 16.28 -2.66
C LEU A 24 -22.90 15.60 -3.83
N CYS A 25 -21.92 14.75 -3.53
CA CYS A 25 -21.37 13.87 -4.56
C CYS A 25 -21.62 12.43 -4.14
N VAL A 26 -22.09 11.68 -5.12
CA VAL A 26 -22.43 10.30 -5.00
C VAL A 26 -21.45 9.58 -5.90
N GLY A 27 -20.70 8.62 -5.34
CA GLY A 27 -19.75 7.78 -6.06
C GLY A 27 -18.87 6.98 -5.10
N LEU A 28 -17.63 6.63 -5.53
CA LEU A 28 -16.68 5.81 -4.76
C LEU A 28 -15.85 6.64 -3.80
N VAL A 29 -15.58 6.05 -2.63
CA VAL A 29 -14.50 6.43 -1.74
C VAL A 29 -13.58 5.22 -1.67
N VAL A 30 -12.26 5.44 -1.82
CA VAL A 30 -11.27 4.39 -1.93
C VAL A 30 -10.01 4.83 -1.16
N LEU A 31 -9.40 3.85 -0.47
CA LEU A 31 -8.12 4.11 0.19
C LEU A 31 -6.99 4.00 -0.82
N ASP A 32 -6.27 5.12 -0.99
CA ASP A 32 -5.21 5.12 -1.99
C ASP A 32 -3.92 5.01 -1.19
N VAL A 33 -3.23 3.91 -1.46
CA VAL A 33 -1.97 3.65 -0.83
C VAL A 33 -0.92 4.09 -1.85
N ILE A 34 -0.26 5.21 -1.55
CA ILE A 34 0.51 5.86 -2.60
C ILE A 34 2.00 5.65 -2.35
N SER A 35 2.70 5.28 -3.45
CA SER A 35 4.17 5.33 -3.50
C SER A 35 4.64 6.37 -4.53
N LEU A 36 5.47 7.31 -4.10
CA LEU A 36 6.05 8.29 -5.00
C LEU A 36 7.44 7.83 -5.43
N VAL A 37 7.64 7.63 -6.73
CA VAL A 37 8.85 7.06 -7.31
C VAL A 37 9.43 8.10 -8.27
N ASP A 38 10.74 7.92 -8.50
CA ASP A 38 11.62 8.65 -9.41
C ASP A 38 11.31 8.29 -10.85
N LYS A 39 11.09 6.99 -11.12
CA LYS A 39 10.86 6.44 -12.44
C LYS A 39 9.86 5.30 -12.25
N TYR A 40 8.99 5.11 -13.24
CA TYR A 40 8.05 4.01 -13.27
C TYR A 40 8.88 2.73 -13.35
N PRO A 41 8.68 1.71 -12.48
CA PRO A 41 9.61 0.56 -12.50
C PRO A 41 9.41 -0.28 -13.77
N LYS A 42 10.51 -0.68 -14.41
CA LYS A 42 10.43 -1.67 -15.48
C LYS A 42 9.87 -2.97 -14.87
N GLU A 43 9.06 -3.72 -15.64
CA GLU A 43 8.50 -4.97 -15.13
C GLU A 43 9.62 -5.89 -14.63
N ASP A 44 9.34 -6.53 -13.49
CA ASP A 44 10.21 -7.55 -12.93
C ASP A 44 11.45 -6.92 -12.29
N SER A 45 11.49 -5.61 -12.17
CA SER A 45 12.55 -4.92 -11.44
C SER A 45 12.10 -4.57 -10.02
N GLU A 46 13.04 -4.02 -9.25
CA GLU A 46 12.82 -3.57 -7.89
C GLU A 46 13.37 -2.13 -7.73
N ILE A 47 12.53 -1.16 -7.32
CA ILE A 47 12.94 0.23 -7.15
C ILE A 47 12.46 0.70 -5.77
N ARG A 48 13.19 1.62 -5.13
CA ARG A 48 12.85 2.10 -3.79
C ARG A 48 12.08 3.40 -3.97
N CYS A 49 10.93 3.54 -3.33
CA CYS A 49 10.16 4.74 -3.60
C CYS A 49 10.78 5.91 -2.84
N LEU A 50 10.47 7.15 -3.26
CA LEU A 50 10.94 8.32 -2.53
C LEU A 50 10.13 8.53 -1.27
N SER A 51 8.79 8.32 -1.29
CA SER A 51 8.01 8.57 -0.08
C SER A 51 6.69 7.85 -0.27
N GLN A 52 5.93 7.72 0.83
CA GLN A 52 4.79 6.81 0.91
C GLN A 52 3.68 7.66 1.52
N ARG A 53 2.42 7.52 1.11
CA ARG A 53 1.41 8.05 2.01
C ARG A 53 0.10 7.32 1.68
N TRP A 54 -0.89 7.57 2.55
CA TRP A 54 -2.28 7.17 2.35
C TRP A 54 -3.10 8.40 1.98
N GLN A 55 -4.03 8.27 1.03
CA GLN A 55 -4.95 9.35 0.70
C GLN A 55 -6.35 8.77 0.57
N ARG A 56 -7.33 9.48 1.17
CA ARG A 56 -8.73 9.25 0.82
C ARG A 56 -8.91 9.64 -0.65
N GLY A 57 -9.18 8.63 -1.50
CA GLY A 57 -9.49 8.77 -2.92
C GLY A 57 -10.90 8.33 -3.29
N GLY A 58 -11.02 7.89 -4.56
CA GLY A 58 -12.19 7.80 -5.41
C GLY A 58 -12.72 9.15 -5.92
N ASN A 59 -13.42 9.10 -7.06
CA ASN A 59 -13.77 10.31 -7.81
C ASN A 59 -14.62 11.26 -6.99
N ALA A 60 -15.79 10.77 -6.50
CA ALA A 60 -16.73 11.64 -5.79
C ALA A 60 -16.07 12.09 -4.50
N SER A 61 -15.25 11.19 -3.92
CA SER A 61 -14.61 11.55 -2.65
C SER A 61 -13.58 12.68 -2.85
N ASN A 62 -12.74 12.52 -3.87
CA ASN A 62 -11.76 13.55 -4.19
C ASN A 62 -12.48 14.87 -4.53
N SER A 63 -13.63 14.80 -5.22
CA SER A 63 -14.35 16.04 -5.52
C SER A 63 -14.78 16.76 -4.23
N CYS A 64 -15.18 15.97 -3.20
CA CYS A 64 -15.57 16.55 -1.91
C CYS A 64 -14.37 17.21 -1.25
N THR A 65 -13.19 16.60 -1.41
CA THR A 65 -11.99 17.25 -0.88
C THR A 65 -11.83 18.66 -1.46
N VAL A 66 -12.00 18.71 -2.79
CA VAL A 66 -11.77 19.94 -3.54
C VAL A 66 -12.86 20.97 -3.19
N LEU A 67 -14.13 20.51 -3.20
CA LEU A 67 -15.23 21.37 -2.78
C LEU A 67 -14.99 21.95 -1.40
N SER A 68 -14.58 21.08 -0.46
CA SER A 68 -14.35 21.54 0.88
C SER A 68 -13.21 22.57 0.87
N LEU A 69 -12.13 22.32 0.12
CA LEU A 69 -11.06 23.32 0.13
C LEU A 69 -11.52 24.60 -0.54
N LEU A 70 -12.47 24.44 -1.49
CA LEU A 70 -12.99 25.61 -2.15
C LEU A 70 -13.94 26.38 -1.24
N GLY A 71 -14.28 25.81 -0.08
CA GLY A 71 -15.14 26.47 0.90
C GLY A 71 -16.63 26.16 0.71
N ALA A 72 -16.98 25.21 -0.15
CA ALA A 72 -18.37 24.87 -0.41
C ALA A 72 -18.81 23.78 0.57
N PRO A 73 -19.83 24.01 1.41
CA PRO A 73 -20.33 22.90 2.24
C PRO A 73 -20.68 21.73 1.34
N CYS A 74 -20.23 20.54 1.71
CA CYS A 74 -20.59 19.44 0.82
C CYS A 74 -20.70 18.17 1.65
N ALA A 75 -21.20 17.14 0.99
CA ALA A 75 -21.60 15.88 1.59
C ALA A 75 -21.19 14.84 0.56
N PHE A 76 -20.68 13.73 1.07
CA PHE A 76 -20.43 12.56 0.24
C PHE A 76 -21.48 11.48 0.55
N MET A 77 -21.81 10.71 -0.47
CA MET A 77 -22.65 9.54 -0.34
C MET A 77 -22.03 8.44 -1.21
N GLY A 78 -21.57 7.37 -0.56
CA GLY A 78 -21.14 6.16 -1.22
C GLY A 78 -21.09 5.03 -0.17
N SER A 79 -20.75 3.82 -0.64
CA SER A 79 -20.63 2.62 0.18
C SER A 79 -19.29 2.50 0.89
N MET A 80 -19.37 2.18 2.19
CA MET A 80 -18.23 1.82 3.02
C MET A 80 -18.60 0.61 3.90
N ALA A 81 -17.60 -0.20 4.27
CA ALA A 81 -17.77 -1.34 5.19
C ALA A 81 -17.13 -0.91 6.50
N PRO A 82 -17.75 -1.12 7.71
CA PRO A 82 -17.11 -0.66 8.95
C PRO A 82 -15.79 -1.42 9.13
N GLY A 83 -14.81 -0.77 9.79
CA GLY A 83 -13.42 -1.24 9.66
C GLY A 83 -12.40 -0.20 10.08
N HIS A 84 -11.13 -0.61 10.08
CA HIS A 84 -10.05 0.36 10.29
C HIS A 84 -9.89 1.32 9.11
N VAL A 85 -10.04 0.79 7.86
CA VAL A 85 -9.88 1.53 6.60
C VAL A 85 -10.94 2.62 6.64
N ALA A 86 -12.20 2.18 6.76
CA ALA A 86 -13.27 3.14 6.78
C ALA A 86 -13.08 4.15 7.92
N ASP A 87 -12.49 3.73 9.05
CA ASP A 87 -12.30 4.65 10.16
C ASP A 87 -11.38 5.79 9.74
N PHE A 88 -10.30 5.44 9.01
CA PHE A 88 -9.35 6.43 8.50
C PHE A 88 -10.05 7.37 7.50
N LEU A 89 -10.81 6.77 6.55
CA LEU A 89 -11.54 7.52 5.54
C LEU A 89 -12.47 8.53 6.22
N VAL A 90 -13.13 8.09 7.30
CA VAL A 90 -14.20 8.86 7.90
C VAL A 90 -13.55 10.05 8.59
N ALA A 91 -12.50 9.76 9.36
CA ALA A 91 -11.69 10.77 10.03
C ALA A 91 -11.21 11.80 9.00
N ASP A 92 -10.79 11.31 7.82
CA ASP A 92 -10.30 12.19 6.78
C ASP A 92 -11.40 13.15 6.31
N PHE A 93 -12.52 12.57 5.87
CA PHE A 93 -13.69 13.35 5.48
C PHE A 93 -14.02 14.39 6.55
N ARG A 94 -13.90 13.99 7.82
CA ARG A 94 -14.43 14.84 8.87
C ARG A 94 -13.44 15.96 9.11
N ARG A 95 -12.17 15.65 8.86
CA ARG A 95 -11.13 16.63 9.02
C ARG A 95 -11.34 17.72 7.96
N ARG A 96 -12.02 17.36 6.86
CA ARG A 96 -12.22 18.28 5.75
C ARG A 96 -13.56 18.96 5.91
N GLY A 97 -14.36 18.51 6.88
CA GLY A 97 -15.66 19.08 7.15
C GLY A 97 -16.70 18.53 6.17
N VAL A 98 -16.40 17.40 5.53
CA VAL A 98 -17.30 16.83 4.55
C VAL A 98 -18.37 16.05 5.31
N ASP A 99 -19.66 16.19 4.93
CA ASP A 99 -20.78 15.48 5.56
C ASP A 99 -20.81 14.01 5.15
N VAL A 100 -20.76 13.07 6.12
CA VAL A 100 -20.79 11.63 5.80
C VAL A 100 -22.16 11.02 6.16
N SER A 101 -23.07 11.89 6.59
CA SER A 101 -24.35 11.47 7.14
C SER A 101 -25.13 10.59 6.16
N GLN A 102 -24.83 10.66 4.86
CA GLN A 102 -25.63 9.94 3.88
C GLN A 102 -24.94 8.66 3.44
N VAL A 103 -23.86 8.29 4.14
CA VAL A 103 -23.07 7.14 3.69
C VAL A 103 -23.87 5.85 3.83
N ALA A 104 -23.89 5.05 2.76
CA ALA A 104 -24.59 3.78 2.77
C ALA A 104 -23.70 2.63 3.28
N TRP A 105 -23.62 2.47 4.61
CA TRP A 105 -22.86 1.38 5.22
C TRP A 105 -23.32 -0.02 4.78
N GLN A 106 -22.36 -0.90 4.44
CA GLN A 106 -22.59 -2.28 4.07
C GLN A 106 -22.20 -3.19 5.25
N SER A 107 -22.86 -4.34 5.33
CA SER A 107 -22.47 -5.37 6.27
C SER A 107 -21.74 -6.46 5.48
N LYS A 108 -21.85 -6.43 4.15
CA LYS A 108 -21.20 -7.37 3.24
C LYS A 108 -20.05 -6.69 2.47
N GLY A 109 -18.84 -7.30 2.46
CA GLY A 109 -17.70 -6.86 1.66
C GLY A 109 -16.72 -5.92 2.40
N ASP A 110 -15.58 -5.60 1.76
CA ASP A 110 -14.50 -4.80 2.32
C ASP A 110 -14.43 -3.38 1.73
N THR A 111 -13.85 -2.42 2.46
CA THR A 111 -13.59 -1.08 1.92
C THR A 111 -12.59 -1.19 0.77
N PRO A 112 -12.90 -0.73 -0.48
CA PRO A 112 -11.98 -0.88 -1.62
C PRO A 112 -10.69 -0.07 -1.35
N SER A 113 -9.62 -0.46 -2.04
CA SER A 113 -8.30 0.12 -1.84
C SER A 113 -7.51 -0.08 -3.11
N SER A 114 -6.51 0.77 -3.29
CA SER A 114 -5.69 0.68 -4.49
C SER A 114 -4.23 1.02 -4.16
N CYS A 115 -3.29 0.42 -4.91
CA CYS A 115 -1.92 0.92 -4.87
C CYS A 115 -1.76 1.92 -6.01
N CYS A 116 -1.30 3.14 -5.68
CA CYS A 116 -1.04 4.19 -6.66
C CYS A 116 0.46 4.49 -6.63
N ILE A 117 1.08 4.25 -7.79
CA ILE A 117 2.47 4.63 -7.97
C ILE A 117 2.44 5.97 -8.73
N ILE A 118 2.95 7.02 -8.09
CA ILE A 118 2.96 8.32 -8.72
C ILE A 118 4.42 8.59 -9.11
N ASN A 119 4.62 8.83 -10.39
CA ASN A 119 5.93 9.10 -10.94
C ASN A 119 6.22 10.58 -10.74
N ASN A 120 7.15 10.87 -9.84
CA ASN A 120 7.51 12.21 -9.45
C ASN A 120 8.06 13.05 -10.61
N SER A 121 8.52 12.40 -11.66
CA SER A 121 9.21 13.10 -12.73
C SER A 121 8.21 13.61 -13.79
N ASN A 122 6.95 13.16 -13.78
CA ASN A 122 6.04 13.68 -14.80
C ASN A 122 4.61 13.64 -14.26
N GLY A 123 4.43 13.08 -13.06
CA GLY A 123 3.13 13.15 -12.43
C GLY A 123 2.21 12.04 -12.87
N ASN A 124 2.68 11.14 -13.74
CA ASN A 124 1.83 10.03 -14.17
C ASN A 124 1.41 9.24 -12.91
N ARG A 125 0.21 8.60 -12.94
CA ARG A 125 -0.25 7.82 -11.79
C ARG A 125 -0.76 6.49 -12.32
N THR A 126 -0.25 5.40 -11.72
CA THR A 126 -0.60 4.05 -12.13
C THR A 126 -1.37 3.46 -10.95
N ILE A 127 -2.62 3.01 -11.20
CA ILE A 127 -3.54 2.63 -10.13
C ILE A 127 -3.86 1.15 -10.27
N VAL A 128 -3.51 0.40 -9.22
CA VAL A 128 -3.88 -0.99 -9.09
C VAL A 128 -5.01 -1.07 -8.06
N LEU A 129 -6.21 -1.16 -8.63
CA LEU A 129 -7.47 -1.12 -7.89
C LEU A 129 -7.83 -2.54 -7.45
N HIS A 130 -8.19 -2.61 -6.17
CA HIS A 130 -8.74 -3.81 -5.55
C HIS A 130 -10.25 -3.62 -5.45
N ASP A 131 -10.96 -4.29 -6.34
CA ASP A 131 -12.41 -4.24 -6.26
C ASP A 131 -12.89 -5.26 -5.24
N THR A 132 -13.63 -4.75 -4.25
CA THR A 132 -14.18 -5.59 -3.21
C THR A 132 -15.59 -6.01 -3.64
N SER A 133 -16.30 -6.67 -2.74
CA SER A 133 -17.70 -6.99 -2.98
C SER A 133 -18.48 -5.67 -3.04
N LEU A 134 -18.14 -4.74 -2.15
CA LEU A 134 -18.97 -3.62 -1.78
C LEU A 134 -20.05 -3.37 -2.82
N PRO A 135 -21.33 -3.52 -2.40
CA PRO A 135 -22.44 -3.23 -3.29
C PRO A 135 -22.61 -1.71 -3.34
N ASP A 136 -23.12 -1.24 -4.48
CA ASP A 136 -23.17 0.16 -4.87
C ASP A 136 -24.25 0.92 -4.13
N VAL A 137 -24.23 2.26 -4.19
CA VAL A 137 -25.36 2.98 -3.62
C VAL A 137 -26.55 2.68 -4.52
N SER A 138 -27.71 2.30 -3.93
CA SER A 138 -28.89 1.87 -4.68
C SER A 138 -29.94 2.98 -4.75
N ALA A 139 -30.84 2.82 -5.75
CA ALA A 139 -32.00 3.69 -5.87
C ALA A 139 -32.67 3.87 -4.50
N THR A 140 -32.74 2.77 -3.75
CA THR A 140 -33.52 2.72 -2.51
C THR A 140 -32.75 3.47 -1.43
N ASP A 141 -31.42 3.30 -1.42
CA ASP A 141 -30.55 4.12 -0.58
C ASP A 141 -30.84 5.60 -0.81
N PHE A 142 -30.86 5.96 -2.12
CA PHE A 142 -30.98 7.33 -2.56
C PHE A 142 -32.36 7.89 -2.18
N GLU A 143 -33.37 7.01 -2.31
CA GLU A 143 -34.73 7.22 -1.80
C GLU A 143 -34.73 7.83 -0.39
N LYS A 144 -33.81 7.40 0.48
CA LYS A 144 -33.89 7.87 1.87
C LYS A 144 -33.35 9.31 2.02
N VAL A 145 -32.83 9.92 0.94
CA VAL A 145 -32.08 11.16 1.11
C VAL A 145 -33.00 12.40 1.05
N ASP A 146 -32.76 13.33 1.98
CA ASP A 146 -33.51 14.58 2.07
C ASP A 146 -32.94 15.64 1.11
N LEU A 147 -33.44 15.59 -0.14
CA LEU A 147 -33.00 16.41 -1.24
C LEU A 147 -32.99 17.90 -0.90
N THR A 148 -33.65 18.27 0.20
CA THR A 148 -33.87 19.70 0.43
C THR A 148 -32.60 20.40 0.90
N GLN A 149 -31.64 19.62 1.44
CA GLN A 149 -30.33 20.06 1.94
C GLN A 149 -29.45 20.67 0.83
N PHE A 150 -29.70 20.27 -0.43
CA PHE A 150 -28.73 20.31 -1.53
C PHE A 150 -29.09 21.34 -2.60
N LYS A 151 -28.09 22.08 -3.10
CA LYS A 151 -28.27 22.94 -4.26
C LYS A 151 -27.84 22.21 -5.53
N TRP A 152 -27.06 21.14 -5.38
CA TRP A 152 -26.35 20.57 -6.51
C TRP A 152 -26.07 19.16 -6.08
N ILE A 153 -26.30 18.25 -7.00
CA ILE A 153 -26.03 16.87 -6.71
C ILE A 153 -25.22 16.35 -7.88
N HIS A 154 -24.04 15.80 -7.57
CA HIS A 154 -23.16 15.27 -8.58
C HIS A 154 -23.10 13.74 -8.48
N ILE A 155 -23.19 13.08 -9.63
CA ILE A 155 -23.23 11.63 -9.68
C ILE A 155 -22.13 11.12 -10.59
N GLU A 156 -21.23 10.34 -9.96
CA GLU A 156 -20.20 9.54 -10.57
C GLU A 156 -20.82 8.28 -11.16
N GLY A 157 -20.88 8.23 -12.51
CA GLY A 157 -21.50 7.18 -13.30
C GLY A 157 -20.88 5.84 -12.95
N ARG A 158 -21.72 4.87 -12.60
CA ARG A 158 -21.20 3.57 -12.19
C ARG A 158 -22.21 2.45 -12.41
N ASN A 159 -23.16 2.35 -11.48
CA ASN A 159 -24.31 1.46 -11.56
C ASN A 159 -25.47 2.23 -12.19
N ALA A 160 -25.51 2.19 -13.53
CA ALA A 160 -26.27 3.14 -14.31
C ALA A 160 -27.77 3.07 -14.00
N SER A 161 -28.38 1.92 -14.32
CA SER A 161 -29.78 1.62 -14.07
C SER A 161 -30.24 2.19 -12.72
N GLU A 162 -29.46 1.90 -11.66
CA GLU A 162 -29.79 2.34 -10.29
C GLU A 162 -29.71 3.85 -10.18
N GLN A 163 -28.75 4.45 -10.91
CA GLN A 163 -28.50 5.86 -10.73
C GLN A 163 -29.49 6.65 -11.57
N VAL A 164 -29.87 6.05 -12.70
CA VAL A 164 -30.88 6.60 -13.59
C VAL A 164 -32.18 6.84 -12.80
N LYS A 165 -32.52 5.90 -11.91
CA LYS A 165 -33.68 6.07 -11.03
C LYS A 165 -33.45 7.21 -10.04
N MET A 166 -32.20 7.34 -9.52
CA MET A 166 -31.88 8.44 -8.61
C MET A 166 -32.03 9.78 -9.34
N LEU A 167 -31.69 9.77 -10.64
CA LEU A 167 -31.73 11.00 -11.43
C LEU A 167 -33.21 11.30 -11.72
N GLN A 168 -33.96 10.23 -11.99
CA GLN A 168 -35.40 10.32 -12.15
C GLN A 168 -36.03 10.94 -10.90
N ARG A 169 -35.58 10.47 -9.73
CA ARG A 169 -36.01 11.04 -8.45
C ARG A 169 -35.72 12.54 -8.36
N ILE A 170 -34.55 13.00 -8.88
CA ILE A 170 -34.21 14.40 -8.69
C ILE A 170 -35.09 15.25 -9.62
N ASP A 171 -35.33 14.72 -10.84
CA ASP A 171 -36.18 15.34 -11.84
C ASP A 171 -37.59 15.59 -11.28
N ALA A 172 -38.23 14.49 -10.87
CA ALA A 172 -39.41 14.48 -10.02
C ALA A 172 -39.39 15.64 -9.02
N HIS A 173 -38.45 15.63 -8.06
CA HIS A 173 -38.47 16.63 -7.00
C HIS A 173 -38.33 18.04 -7.58
N ASN A 174 -37.71 18.15 -8.76
CA ASN A 174 -37.47 19.44 -9.41
C ASN A 174 -38.77 20.03 -9.96
N THR A 175 -39.49 19.23 -10.77
CA THR A 175 -40.77 19.60 -11.38
C THR A 175 -41.67 20.23 -10.31
N ARG A 176 -41.66 19.70 -9.08
CA ARG A 176 -42.51 20.22 -8.02
C ARG A 176 -41.83 21.35 -7.23
N GLN A 177 -40.99 22.20 -7.86
CA GLN A 177 -40.34 23.31 -7.13
C GLN A 177 -40.20 24.56 -7.99
N PRO A 178 -40.16 25.77 -7.35
CA PRO A 178 -39.90 27.03 -8.07
C PRO A 178 -38.59 26.96 -8.84
N PRO A 179 -38.50 27.43 -10.11
CA PRO A 179 -37.20 27.68 -10.74
C PRO A 179 -36.11 28.14 -9.76
N GLU A 180 -36.48 29.04 -8.82
CA GLU A 180 -35.56 29.57 -7.81
C GLU A 180 -34.96 28.46 -6.95
N GLN A 181 -35.56 27.26 -6.97
CA GLN A 181 -35.24 26.19 -6.02
C GLN A 181 -34.99 24.84 -6.72
N LYS A 182 -34.62 24.84 -8.02
CA LYS A 182 -34.19 23.61 -8.66
C LYS A 182 -32.90 23.11 -7.98
N ILE A 183 -32.71 21.79 -7.99
CA ILE A 183 -31.42 21.24 -7.66
C ILE A 183 -30.73 20.97 -8.98
N ARG A 184 -29.65 21.72 -9.26
CA ARG A 184 -28.76 21.46 -10.40
C ARG A 184 -28.12 20.07 -10.26
N VAL A 185 -27.90 19.40 -11.39
CA VAL A 185 -27.39 18.04 -11.36
C VAL A 185 -26.24 17.91 -12.36
N SER A 186 -25.12 17.31 -11.92
CA SER A 186 -24.08 16.91 -12.85
C SER A 186 -23.88 15.41 -12.79
N VAL A 187 -23.44 14.89 -13.94
CA VAL A 187 -23.07 13.51 -14.11
C VAL A 187 -21.67 13.41 -14.72
N GLU A 188 -20.89 12.40 -14.29
CA GLU A 188 -19.62 12.06 -14.92
C GLU A 188 -19.75 10.66 -15.51
N VAL A 189 -19.41 10.56 -16.79
CA VAL A 189 -19.14 9.31 -17.48
C VAL A 189 -17.63 9.23 -17.75
N GLU A 190 -16.94 8.52 -16.85
CA GLU A 190 -15.49 8.52 -16.85
C GLU A 190 -14.95 7.23 -17.48
N LYS A 191 -15.66 6.12 -17.25
CA LYS A 191 -15.14 4.81 -17.63
C LYS A 191 -15.75 4.34 -18.95
N PRO A 192 -14.91 3.75 -19.82
CA PRO A 192 -15.37 3.38 -21.17
C PRO A 192 -16.59 2.44 -21.39
N ARG A 193 -17.17 1.86 -20.32
CA ARG A 193 -18.23 0.85 -20.37
C ARG A 193 -19.55 1.44 -20.86
N GLU A 194 -20.18 0.75 -21.84
CA GLU A 194 -21.36 1.18 -22.59
C GLU A 194 -22.61 1.30 -21.73
N GLU A 195 -22.55 0.76 -20.49
CA GLU A 195 -23.63 0.78 -19.52
C GLU A 195 -23.95 2.24 -19.12
N LEU A 196 -22.91 3.09 -19.15
CA LEU A 196 -22.89 4.45 -18.64
C LEU A 196 -23.47 5.45 -19.64
N PHE A 197 -23.50 5.07 -20.93
CA PHE A 197 -23.81 5.95 -22.04
C PHE A 197 -25.22 6.50 -21.91
N GLN A 198 -26.10 5.72 -21.29
CA GLN A 198 -27.42 6.23 -20.95
C GLN A 198 -27.32 7.41 -19.99
N LEU A 199 -26.21 7.57 -19.23
CA LEU A 199 -26.23 8.64 -18.24
C LEU A 199 -26.16 10.04 -18.88
N PHE A 200 -25.71 10.11 -20.15
CA PHE A 200 -25.56 11.36 -20.91
C PHE A 200 -26.87 12.13 -20.96
N GLY A 201 -27.98 11.37 -20.82
CA GLY A 201 -29.32 11.90 -20.95
C GLY A 201 -29.75 12.61 -19.69
N TYR A 202 -28.99 12.48 -18.60
CA TYR A 202 -29.46 13.16 -17.39
C TYR A 202 -28.48 14.26 -17.02
N GLY A 203 -28.95 15.19 -16.18
CA GLY A 203 -28.16 16.25 -15.59
C GLY A 203 -28.01 17.48 -16.50
N ASP A 204 -27.97 18.65 -15.84
CA ASP A 204 -27.65 19.97 -16.40
C ASP A 204 -26.23 20.07 -16.95
N VAL A 205 -25.29 19.34 -16.32
CA VAL A 205 -23.89 19.34 -16.75
C VAL A 205 -23.46 17.88 -16.89
N VAL A 206 -22.86 17.53 -18.02
CA VAL A 206 -22.38 16.15 -18.18
C VAL A 206 -20.89 16.23 -18.47
N PHE A 207 -20.09 15.56 -17.63
CA PHE A 207 -18.64 15.46 -17.81
C PHE A 207 -18.32 14.14 -18.49
N VAL A 208 -17.65 14.22 -19.64
CA VAL A 208 -17.21 13.04 -20.34
C VAL A 208 -15.68 13.04 -20.40
N SER A 209 -15.08 11.90 -20.02
CA SER A 209 -13.63 11.82 -19.88
C SER A 209 -13.02 11.70 -21.26
N LYS A 210 -11.75 12.10 -21.34
CA LYS A 210 -10.95 11.91 -22.54
C LYS A 210 -10.81 10.41 -22.86
N ASP A 211 -10.71 9.56 -21.82
CA ASP A 211 -10.71 8.11 -22.05
C ASP A 211 -11.99 7.67 -22.77
N VAL A 212 -13.15 8.02 -22.20
CA VAL A 212 -14.41 7.70 -22.88
C VAL A 212 -14.42 8.25 -24.30
N ALA A 213 -13.93 9.49 -24.47
CA ALA A 213 -14.01 10.12 -25.77
C ALA A 213 -13.17 9.37 -26.79
N LYS A 214 -11.93 9.03 -26.38
CA LYS A 214 -10.99 8.35 -27.28
C LYS A 214 -11.49 6.96 -27.61
N HIS A 215 -12.05 6.29 -26.60
CA HIS A 215 -12.59 4.95 -26.75
C HIS A 215 -13.81 4.95 -27.67
N LEU A 216 -14.49 6.10 -27.87
CA LEU A 216 -15.55 6.21 -28.86
C LEU A 216 -15.07 6.79 -30.18
N GLY A 217 -13.75 6.78 -30.45
CA GLY A 217 -13.21 7.15 -31.76
C GLY A 217 -12.82 8.63 -31.97
N PHE A 218 -13.00 9.48 -30.93
CA PHE A 218 -12.76 10.92 -31.02
C PHE A 218 -11.33 11.26 -30.61
N GLN A 219 -10.72 12.19 -31.36
CA GLN A 219 -9.31 12.53 -31.20
C GLN A 219 -9.08 13.89 -30.51
N SER A 220 -10.13 14.66 -30.18
CA SER A 220 -9.93 15.88 -29.41
C SER A 220 -11.23 16.19 -28.71
N ALA A 221 -11.15 17.09 -27.71
CA ALA A 221 -12.31 17.60 -27.01
C ALA A 221 -13.37 18.17 -27.95
N GLU A 222 -12.95 19.03 -28.90
N GLU A 222 -12.95 19.03 -28.89
CA GLU A 222 -13.88 19.63 -29.86
CA GLU A 222 -13.91 19.65 -29.82
C GLU A 222 -14.69 18.53 -30.55
C GLU A 222 -14.68 18.57 -30.59
N GLU A 223 -13.96 17.57 -31.08
CA GLU A 223 -14.60 16.51 -31.84
C GLU A 223 -15.60 15.77 -30.96
N ALA A 224 -15.17 15.47 -29.73
CA ALA A 224 -16.01 14.67 -28.86
C ALA A 224 -17.28 15.45 -28.54
N LEU A 225 -17.13 16.75 -28.27
CA LEU A 225 -18.30 17.52 -27.89
C LEU A 225 -19.32 17.56 -29.03
N ARG A 226 -18.84 17.74 -30.27
CA ARG A 226 -19.71 17.80 -31.43
C ARG A 226 -20.39 16.46 -31.63
N GLY A 227 -19.56 15.40 -31.56
CA GLY A 227 -19.97 14.01 -31.72
C GLY A 227 -20.98 13.52 -30.70
N LEU A 228 -21.04 14.10 -29.49
CA LEU A 228 -21.80 13.48 -28.42
C LEU A 228 -22.92 14.42 -27.95
N TYR A 229 -22.90 15.69 -28.39
CA TYR A 229 -23.85 16.64 -27.82
C TYR A 229 -25.28 16.10 -28.00
N GLY A 230 -25.48 15.31 -29.08
CA GLY A 230 -26.82 14.88 -29.45
C GLY A 230 -27.39 13.90 -28.42
N ARG A 231 -26.53 13.41 -27.50
CA ARG A 231 -26.94 12.47 -26.46
C ARG A 231 -27.31 13.16 -25.14
N VAL A 232 -27.07 14.47 -24.98
CA VAL A 232 -27.42 15.08 -23.71
C VAL A 232 -28.89 15.49 -23.77
N ARG A 233 -29.43 15.89 -22.61
CA ARG A 233 -30.80 16.34 -22.55
C ARG A 233 -30.86 17.84 -22.86
N LYS A 234 -32.05 18.29 -23.25
CA LYS A 234 -32.20 19.64 -23.77
C LYS A 234 -31.78 20.65 -22.70
N GLY A 235 -30.98 21.64 -23.11
CA GLY A 235 -30.51 22.63 -22.15
C GLY A 235 -29.18 22.26 -21.46
N ALA A 236 -28.65 21.03 -21.61
CA ALA A 236 -27.52 20.56 -20.82
C ALA A 236 -26.24 21.14 -21.42
N VAL A 237 -25.17 21.17 -20.60
CA VAL A 237 -23.83 21.55 -21.02
C VAL A 237 -22.98 20.29 -20.93
N LEU A 238 -22.41 19.90 -22.07
CA LEU A 238 -21.48 18.79 -22.13
C LEU A 238 -20.07 19.34 -21.91
N VAL A 239 -19.31 18.76 -20.96
CA VAL A 239 -17.94 19.19 -20.63
C VAL A 239 -16.92 18.10 -20.91
N CYS A 240 -15.83 18.42 -21.62
CA CYS A 240 -14.79 17.40 -21.82
C CYS A 240 -13.37 17.93 -21.56
N ALA A 241 -12.76 17.55 -20.43
CA ALA A 241 -11.37 17.90 -20.16
C ALA A 241 -10.39 17.02 -20.96
N TRP A 242 -9.27 17.60 -21.40
CA TRP A 242 -8.40 16.84 -22.29
C TRP A 242 -6.97 16.98 -21.78
N ALA A 243 -6.79 16.72 -20.47
CA ALA A 243 -5.47 16.72 -19.81
C ALA A 243 -4.75 18.04 -20.14
N GLU A 244 -3.52 17.98 -20.69
CA GLU A 244 -2.72 19.20 -20.85
C GLU A 244 -3.25 20.07 -21.96
N GLU A 245 -4.29 19.63 -22.65
CA GLU A 245 -4.82 20.47 -23.71
C GLU A 245 -5.98 21.30 -23.21
N GLY A 246 -6.16 21.33 -21.89
CA GLY A 246 -7.20 22.15 -21.31
C GLY A 246 -8.55 21.43 -21.41
N ALA A 247 -9.63 22.21 -21.49
CA ALA A 247 -10.93 21.58 -21.45
C ALA A 247 -11.83 22.38 -22.36
N ASP A 248 -12.89 21.72 -22.84
CA ASP A 248 -13.85 22.33 -23.75
C ASP A 248 -15.25 22.09 -23.22
N ALA A 249 -16.16 22.96 -23.64
CA ALA A 249 -17.56 22.75 -23.22
C ALA A 249 -18.48 23.11 -24.38
N LEU A 250 -19.74 22.62 -24.30
CA LEU A 250 -20.70 22.88 -25.37
C LEU A 250 -22.10 22.83 -24.78
N GLY A 251 -22.77 23.99 -24.90
CA GLY A 251 -24.11 24.23 -24.40
C GLY A 251 -25.17 24.26 -25.52
N PRO A 252 -26.42 24.62 -25.16
CA PRO A 252 -27.52 24.65 -26.13
C PRO A 252 -27.33 25.65 -27.27
N ASP A 253 -26.43 26.65 -27.10
CA ASP A 253 -26.30 27.73 -28.06
C ASP A 253 -25.40 27.26 -29.19
N GLY A 254 -24.83 26.07 -29.05
CA GLY A 254 -23.99 25.54 -30.12
C GLY A 254 -22.60 26.20 -30.14
N LYS A 255 -22.31 27.12 -29.20
CA LYS A 255 -20.95 27.71 -29.28
C LYS A 255 -19.98 26.89 -28.41
N LEU A 256 -18.96 26.34 -29.06
CA LEU A 256 -17.82 25.67 -28.46
C LEU A 256 -17.08 26.62 -27.53
N LEU A 257 -16.86 26.20 -26.29
CA LEU A 257 -16.01 27.01 -25.43
C LEU A 257 -14.76 26.22 -25.11
N HIS A 258 -13.62 26.93 -25.00
CA HIS A 258 -12.36 26.27 -24.68
C HIS A 258 -11.67 27.00 -23.51
N SER A 259 -10.89 26.25 -22.72
CA SER A 259 -9.92 26.82 -21.81
C SER A 259 -8.61 26.11 -22.01
N ASP A 260 -7.52 26.90 -22.19
CA ASP A 260 -6.22 26.28 -22.00
C ASP A 260 -6.05 25.79 -20.55
N ALA A 261 -5.20 24.78 -20.40
CA ALA A 261 -4.70 24.21 -19.16
C ALA A 261 -3.80 25.24 -18.47
N PHE A 262 -3.57 25.04 -17.17
CA PHE A 262 -2.63 25.88 -16.41
C PHE A 262 -1.53 24.94 -15.88
N PRO A 263 -0.72 24.30 -16.75
CA PRO A 263 0.36 23.40 -16.30
C PRO A 263 1.35 24.08 -15.36
N PRO A 264 1.68 23.45 -14.22
CA PRO A 264 2.70 23.98 -13.30
C PRO A 264 4.00 23.65 -14.01
N PRO A 265 5.07 24.43 -13.80
CA PRO A 265 6.36 24.18 -14.47
C PRO A 265 6.89 22.76 -14.22
N ARG A 266 6.60 22.16 -13.06
CA ARG A 266 6.80 20.72 -12.82
C ARG A 266 5.52 19.96 -12.42
N VAL A 267 5.03 19.11 -13.33
CA VAL A 267 3.89 18.25 -13.06
C VAL A 267 4.40 17.07 -12.20
N VAL A 268 3.98 17.01 -10.92
CA VAL A 268 4.50 16.01 -9.96
C VAL A 268 3.44 14.98 -9.50
N ASP A 269 2.12 15.21 -9.71
CA ASP A 269 1.07 14.33 -9.17
C ASP A 269 -0.25 14.65 -9.87
N THR A 270 -0.68 13.80 -10.84
CA THR A 270 -1.96 13.95 -11.49
C THR A 270 -3.08 13.09 -10.92
N LEU A 271 -2.83 12.35 -9.83
CA LEU A 271 -3.90 11.54 -9.25
C LEU A 271 -4.98 12.49 -8.72
N GLY A 272 -6.20 12.42 -9.26
CA GLY A 272 -7.23 13.31 -8.76
C GLY A 272 -7.33 14.63 -9.56
N ALA A 273 -6.57 14.75 -10.65
CA ALA A 273 -6.60 15.99 -11.45
C ALA A 273 -8.01 16.16 -12.04
N GLY A 274 -8.50 15.11 -12.72
CA GLY A 274 -9.85 14.93 -13.24
C GLY A 274 -10.91 15.40 -12.24
N ASP A 275 -10.77 14.93 -10.99
CA ASP A 275 -11.82 15.17 -10.00
C ASP A 275 -11.73 16.60 -9.51
N THR A 276 -10.50 17.15 -9.55
CA THR A 276 -10.25 18.51 -9.13
C THR A 276 -10.92 19.45 -10.13
N PHE A 277 -10.81 19.11 -11.42
CA PHE A 277 -11.42 19.90 -12.46
C PHE A 277 -12.95 19.85 -12.27
N ASN A 278 -13.49 18.64 -12.13
CA ASN A 278 -14.96 18.54 -12.04
C ASN A 278 -15.45 19.35 -10.85
N ALA A 279 -14.77 19.26 -9.70
CA ALA A 279 -15.29 19.89 -8.52
C ALA A 279 -15.24 21.39 -8.71
N SER A 280 -14.17 21.83 -9.36
CA SER A 280 -13.95 23.25 -9.53
C SER A 280 -14.98 23.82 -10.51
N VAL A 281 -15.32 23.03 -11.54
CA VAL A 281 -16.30 23.46 -12.52
C VAL A 281 -17.66 23.61 -11.83
N ILE A 282 -18.05 22.59 -11.07
CA ILE A 282 -19.30 22.54 -10.33
C ILE A 282 -19.34 23.75 -9.39
N PHE A 283 -18.25 23.99 -8.67
CA PHE A 283 -18.24 25.01 -7.64
C PHE A 283 -18.51 26.34 -8.32
N SER A 284 -17.82 26.51 -9.43
CA SER A 284 -17.87 27.76 -10.14
C SER A 284 -19.29 27.99 -10.67
N LEU A 285 -19.87 26.96 -11.30
CA LEU A 285 -21.21 27.08 -11.88
C LEU A 285 -22.22 27.35 -10.77
N SER A 286 -22.08 26.63 -9.66
CA SER A 286 -22.96 26.77 -8.52
C SER A 286 -22.78 28.15 -7.93
N GLN A 287 -21.72 28.87 -8.32
CA GLN A 287 -21.56 30.21 -7.75
C GLN A 287 -22.15 31.24 -8.72
N GLY A 288 -22.74 30.73 -9.81
CA GLY A 288 -23.39 31.53 -10.84
C GLY A 288 -22.39 32.09 -11.86
N ARG A 289 -21.20 31.47 -12.07
CA ARG A 289 -20.23 31.96 -13.07
C ARG A 289 -20.70 31.44 -14.41
N SER A 290 -20.26 32.06 -15.51
CA SER A 290 -20.57 31.52 -16.83
C SER A 290 -19.85 30.18 -16.98
N VAL A 291 -20.26 29.39 -17.99
CA VAL A 291 -19.55 28.19 -18.38
C VAL A 291 -18.12 28.53 -18.79
N GLN A 292 -17.88 29.55 -19.62
CA GLN A 292 -16.51 29.89 -19.95
C GLN A 292 -15.65 30.07 -18.68
N GLU A 293 -16.16 30.85 -17.71
CA GLU A 293 -15.37 31.14 -16.54
C GLU A 293 -15.15 29.85 -15.73
N ALA A 294 -16.13 28.95 -15.70
CA ALA A 294 -16.07 27.76 -14.87
C ALA A 294 -15.05 26.78 -15.47
N LEU A 295 -14.99 26.74 -16.80
CA LEU A 295 -14.03 25.95 -17.54
C LEU A 295 -12.61 26.46 -17.24
N ARG A 296 -12.43 27.79 -17.23
CA ARG A 296 -11.09 28.28 -16.91
C ARG A 296 -10.73 27.98 -15.45
N PHE A 297 -11.70 28.14 -14.52
CA PHE A 297 -11.39 27.94 -13.11
C PHE A 297 -11.04 26.48 -12.89
N GLY A 298 -11.85 25.59 -13.45
CA GLY A 298 -11.59 24.16 -13.45
C GLY A 298 -10.14 23.86 -13.88
N CYS A 299 -9.71 24.42 -15.01
CA CYS A 299 -8.37 24.11 -15.49
C CYS A 299 -7.33 24.72 -14.57
N GLN A 300 -7.65 25.89 -14.02
CA GLN A 300 -6.72 26.59 -13.13
C GLN A 300 -6.45 25.76 -11.87
N VAL A 301 -7.50 25.26 -11.21
CA VAL A 301 -7.37 24.56 -9.93
C VAL A 301 -6.71 23.19 -10.22
N ALA A 302 -7.11 22.48 -11.28
CA ALA A 302 -6.50 21.21 -11.65
C ALA A 302 -5.02 21.37 -11.97
N GLY A 303 -4.63 22.48 -12.65
CA GLY A 303 -3.22 22.74 -12.92
C GLY A 303 -2.44 22.97 -11.63
N LYS A 304 -2.99 23.79 -10.77
CA LYS A 304 -2.33 24.06 -9.52
C LYS A 304 -2.13 22.68 -8.84
N LYS A 305 -3.14 21.82 -8.88
CA LYS A 305 -3.11 20.57 -8.12
C LYS A 305 -2.04 19.64 -8.67
N CYS A 306 -1.79 19.66 -9.99
CA CYS A 306 -0.89 18.73 -10.64
C CYS A 306 0.55 19.09 -10.25
N GLY A 307 0.77 20.25 -9.65
CA GLY A 307 2.14 20.63 -9.28
C GLY A 307 2.41 20.35 -7.80
N LEU A 308 1.46 19.71 -7.10
CA LEU A 308 1.58 19.50 -5.66
C LEU A 308 1.34 18.01 -5.41
N GLN A 309 1.85 17.46 -4.28
CA GLN A 309 1.47 16.12 -3.88
C GLN A 309 0.13 16.22 -3.14
N GLY A 310 -0.88 15.50 -3.64
CA GLY A 310 -2.18 15.53 -2.95
C GLY A 310 -2.93 16.86 -3.18
N PHE A 311 -3.72 17.29 -2.19
CA PHE A 311 -4.71 18.32 -2.45
C PHE A 311 -4.50 19.57 -1.63
N ASP A 312 -3.74 19.52 -0.53
CA ASP A 312 -3.52 20.74 0.23
C ASP A 312 -2.80 21.80 -0.60
N GLY A 313 -3.13 23.06 -0.36
CA GLY A 313 -2.44 24.14 -1.02
C GLY A 313 -2.94 24.42 -2.45
N ILE A 314 -4.00 23.75 -2.93
CA ILE A 314 -4.51 24.03 -4.27
C ILE A 314 -5.19 25.39 -4.32
N VAL A 315 -5.53 25.91 -3.14
CA VAL A 315 -5.99 27.28 -2.99
C VAL A 315 -5.45 27.76 -1.63
N HIS B 12 0.29 0.77 26.73
CA HIS B 12 0.80 0.68 28.18
C HIS B 12 0.90 -0.78 28.61
N SER B 13 1.42 -0.98 29.86
CA SER B 13 1.59 -2.27 30.54
C SER B 13 2.38 -3.29 29.70
N SER B 14 2.36 -4.57 30.12
CA SER B 14 3.06 -5.75 29.61
C SER B 14 3.32 -6.66 30.80
N GLY B 15 3.20 -7.97 30.63
CA GLY B 15 3.27 -8.79 31.84
C GLY B 15 4.75 -9.13 32.09
N LEU B 16 4.93 -9.89 33.14
CA LEU B 16 6.21 -10.39 33.59
C LEU B 16 6.70 -11.40 32.55
N VAL B 17 7.91 -11.18 32.00
CA VAL B 17 8.50 -12.20 31.14
C VAL B 17 9.54 -12.98 31.93
N PRO B 18 9.44 -14.31 32.13
CA PRO B 18 10.44 -14.99 32.96
C PRO B 18 11.81 -14.73 32.33
N ARG B 19 12.82 -14.53 33.17
CA ARG B 19 14.22 -14.40 32.77
C ARG B 19 14.64 -15.57 31.87
N GLY B 20 15.42 -15.24 30.86
CA GLY B 20 16.08 -16.23 30.00
C GLY B 20 15.07 -17.06 29.22
N SER B 21 13.92 -16.45 28.84
CA SER B 21 12.82 -17.22 28.30
C SER B 21 12.59 -16.95 26.80
N GLN B 22 12.97 -15.76 26.30
CA GLN B 22 12.49 -15.40 24.97
C GLN B 22 13.59 -15.41 23.91
N ILE B 23 13.13 -15.54 22.68
CA ILE B 23 14.06 -15.38 21.59
C ILE B 23 13.67 -14.06 20.93
N LEU B 24 14.65 -13.18 20.80
CA LEU B 24 14.50 -11.85 20.24
C LEU B 24 15.04 -11.84 18.82
N CYS B 25 14.25 -11.26 17.90
CA CYS B 25 14.69 -10.98 16.57
C CYS B 25 14.65 -9.47 16.38
N VAL B 26 15.79 -8.94 15.91
CA VAL B 26 15.98 -7.52 15.66
C VAL B 26 16.08 -7.34 14.14
N GLY B 27 15.28 -6.44 13.58
CA GLY B 27 15.36 -6.20 12.17
C GLY B 27 14.11 -5.46 11.67
N LEU B 28 13.77 -5.68 10.42
CA LEU B 28 12.77 -4.96 9.64
C LEU B 28 11.37 -5.55 9.84
N VAL B 29 10.34 -4.71 10.02
CA VAL B 29 8.98 -5.13 9.76
C VAL B 29 8.45 -4.21 8.67
N VAL B 30 7.63 -4.70 7.72
CA VAL B 30 7.17 -3.89 6.61
C VAL B 30 5.78 -4.38 6.25
N LEU B 31 4.95 -3.47 5.79
CA LEU B 31 3.62 -3.81 5.29
C LEU B 31 3.79 -4.05 3.80
N ASP B 32 3.56 -5.28 3.36
CA ASP B 32 3.64 -5.58 1.95
C ASP B 32 2.22 -5.67 1.42
N VAL B 33 1.91 -4.84 0.42
CA VAL B 33 0.66 -4.84 -0.33
C VAL B 33 0.92 -5.67 -1.59
N ILE B 34 0.26 -6.83 -1.71
CA ILE B 34 0.58 -7.71 -2.81
C ILE B 34 -0.67 -7.84 -3.67
N SER B 35 -0.49 -7.51 -4.94
CA SER B 35 -1.55 -7.43 -5.92
C SER B 35 -1.23 -8.47 -6.98
N LEU B 36 -2.23 -9.28 -7.32
CA LEU B 36 -2.11 -10.23 -8.41
C LEU B 36 -2.81 -9.64 -9.65
N VAL B 37 -2.06 -9.56 -10.76
CA VAL B 37 -2.55 -8.92 -11.96
C VAL B 37 -2.49 -9.88 -13.16
N ASP B 38 -3.49 -9.71 -14.04
CA ASP B 38 -3.54 -10.24 -15.39
C ASP B 38 -2.26 -9.93 -16.15
N LYS B 39 -2.03 -8.62 -16.35
CA LYS B 39 -0.89 -8.12 -17.09
C LYS B 39 -0.27 -6.99 -16.27
N TYR B 40 1.05 -6.83 -16.37
CA TYR B 40 1.74 -5.69 -15.80
C TYR B 40 1.10 -4.40 -16.32
N PRO B 41 0.73 -3.42 -15.45
CA PRO B 41 0.01 -2.23 -15.92
C PRO B 41 0.94 -1.33 -16.74
N LYS B 42 0.42 -0.72 -17.84
CA LYS B 42 1.14 0.32 -18.53
C LYS B 42 1.14 1.54 -17.60
N GLU B 43 2.25 2.29 -17.60
CA GLU B 43 2.34 3.50 -16.81
C GLU B 43 1.14 4.42 -17.06
N ASP B 44 0.64 5.04 -15.99
CA ASP B 44 -0.48 5.97 -16.11
C ASP B 44 -1.83 5.32 -16.46
N SER B 45 -1.97 3.98 -16.30
CA SER B 45 -3.27 3.30 -16.42
C SER B 45 -3.91 2.95 -15.06
N GLU B 46 -5.19 2.59 -15.12
CA GLU B 46 -5.88 2.09 -13.96
C GLU B 46 -6.26 0.65 -14.26
N ILE B 47 -5.80 -0.31 -13.44
CA ILE B 47 -6.18 -1.70 -13.64
C ILE B 47 -6.81 -2.30 -12.36
N ARG B 48 -7.53 -3.41 -12.57
CA ARG B 48 -8.24 -4.18 -11.56
C ARG B 48 -7.38 -5.42 -11.26
N CYS B 49 -6.94 -5.60 -10.00
CA CYS B 49 -6.06 -6.74 -9.76
C CYS B 49 -6.97 -7.94 -9.66
N LEU B 50 -6.44 -9.15 -9.86
CA LEU B 50 -7.23 -10.34 -9.56
C LEU B 50 -7.43 -10.51 -8.06
N SER B 51 -6.41 -10.26 -7.23
CA SER B 51 -6.53 -10.24 -5.76
C SER B 51 -5.50 -9.29 -5.13
N GLN B 52 -5.82 -8.86 -3.91
N GLN B 52 -5.73 -8.84 -3.88
CA GLN B 52 -4.92 -8.03 -3.16
CA GLN B 52 -4.85 -7.86 -3.22
C GLN B 52 -4.86 -8.65 -1.78
C GLN B 52 -4.84 -8.12 -1.70
N ARG B 53 -3.69 -8.52 -1.14
CA ARG B 53 -3.57 -8.78 0.29
C ARG B 53 -2.49 -7.92 0.90
N TRP B 54 -2.77 -7.47 2.12
CA TRP B 54 -1.86 -6.78 2.99
C TRP B 54 -1.24 -7.84 3.90
N GLN B 55 0.10 -7.95 3.94
CA GLN B 55 0.85 -8.95 4.72
C GLN B 55 1.95 -8.28 5.48
N ARG B 56 2.11 -8.65 6.75
CA ARG B 56 3.27 -8.30 7.55
C ARG B 56 4.45 -9.07 6.93
N GLY B 57 5.52 -8.36 6.56
CA GLY B 57 6.75 -8.94 6.03
C GLY B 57 7.99 -8.39 6.71
N GLY B 58 9.15 -8.74 6.15
CA GLY B 58 10.41 -8.41 6.78
C GLY B 58 11.06 -9.68 7.31
N ASN B 59 12.39 -9.75 7.25
CA ASN B 59 13.08 -10.98 7.65
C ASN B 59 12.93 -11.27 9.14
N ALA B 60 13.26 -10.32 10.04
CA ALA B 60 13.20 -10.59 11.46
C ALA B 60 11.75 -10.85 11.85
N SER B 61 10.84 -10.08 11.22
CA SER B 61 9.40 -10.12 11.51
C SER B 61 8.83 -11.50 11.17
N ASN B 62 9.12 -11.97 9.95
CA ASN B 62 8.75 -13.33 9.51
C ASN B 62 9.28 -14.42 10.44
N SER B 63 10.53 -14.27 10.86
CA SER B 63 11.12 -15.25 11.80
C SER B 63 10.40 -15.30 13.14
N CYS B 64 9.97 -14.12 13.66
CA CYS B 64 9.24 -14.14 14.92
C CYS B 64 7.91 -14.88 14.71
N THR B 65 7.30 -14.76 13.51
CA THR B 65 6.06 -15.50 13.30
C THR B 65 6.33 -16.99 13.45
N VAL B 66 7.34 -17.46 12.71
CA VAL B 66 7.72 -18.88 12.77
C VAL B 66 8.10 -19.30 14.19
N LEU B 67 8.91 -18.48 14.87
CA LEU B 67 9.18 -18.88 16.27
C LEU B 67 7.94 -19.11 17.10
N SER B 68 7.00 -18.17 17.04
CA SER B 68 5.80 -18.36 17.85
C SER B 68 5.04 -19.62 17.45
N LEU B 69 4.91 -19.83 16.15
CA LEU B 69 4.26 -21.07 15.69
C LEU B 69 5.02 -22.31 16.14
N LEU B 70 6.36 -22.24 16.27
CA LEU B 70 7.06 -23.44 16.72
C LEU B 70 6.84 -23.64 18.22
N GLY B 71 6.35 -22.60 18.92
CA GLY B 71 6.16 -22.87 20.34
C GLY B 71 7.16 -22.09 21.23
N ALA B 72 7.95 -21.18 20.68
CA ALA B 72 8.90 -20.40 21.46
C ALA B 72 8.33 -19.04 21.86
N PRO B 73 8.58 -18.55 23.09
CA PRO B 73 8.17 -17.20 23.47
C PRO B 73 9.09 -16.33 22.63
N CYS B 74 8.53 -15.37 21.89
CA CYS B 74 9.44 -14.53 21.12
C CYS B 74 9.02 -13.09 21.01
N ALA B 75 10.04 -12.27 20.67
CA ALA B 75 9.86 -10.83 20.79
C ALA B 75 10.52 -10.23 19.56
N PHE B 76 9.93 -9.15 19.07
CA PHE B 76 10.49 -8.46 17.90
C PHE B 76 10.97 -7.09 18.39
N MET B 77 12.12 -6.65 17.87
CA MET B 77 12.64 -5.30 18.07
C MET B 77 13.00 -4.78 16.70
N GLY B 78 12.30 -3.71 16.33
CA GLY B 78 12.59 -2.98 15.12
C GLY B 78 11.91 -1.62 15.23
N SER B 79 12.00 -0.79 14.19
CA SER B 79 11.41 0.55 14.22
C SER B 79 10.01 0.58 13.63
N MET B 80 9.10 1.37 14.24
CA MET B 80 7.81 1.69 13.64
C MET B 80 7.49 3.15 13.96
N ALA B 81 6.64 3.81 13.17
CA ALA B 81 6.12 5.14 13.55
C ALA B 81 4.63 4.97 13.81
N PRO B 82 4.10 5.73 14.79
CA PRO B 82 2.66 5.80 15.07
C PRO B 82 1.84 6.03 13.80
N GLY B 83 0.73 5.29 13.72
CA GLY B 83 -0.04 5.39 12.49
C GLY B 83 -0.77 4.10 12.16
N HIS B 84 -1.51 4.15 11.04
CA HIS B 84 -2.41 3.07 10.66
C HIS B 84 -1.62 1.88 10.11
N VAL B 85 -0.48 2.15 9.50
CA VAL B 85 0.41 1.10 9.03
C VAL B 85 0.92 0.31 10.24
N ALA B 86 1.40 1.02 11.26
CA ALA B 86 1.95 0.33 12.39
C ALA B 86 0.83 -0.43 13.12
N ASP B 87 -0.40 0.14 13.14
CA ASP B 87 -1.50 -0.52 13.84
C ASP B 87 -1.74 -1.87 13.20
N PHE B 88 -1.86 -1.88 11.87
CA PHE B 88 -2.01 -3.11 11.13
C PHE B 88 -0.92 -4.13 11.50
N LEU B 89 0.35 -3.68 11.53
CA LEU B 89 1.52 -4.54 11.75
C LEU B 89 1.52 -5.07 13.18
N VAL B 90 1.16 -4.21 14.15
CA VAL B 90 1.17 -4.57 15.55
C VAL B 90 0.04 -5.60 15.71
N ALA B 91 -1.12 -5.34 15.09
CA ALA B 91 -2.22 -6.28 15.28
C ALA B 91 -1.82 -7.61 14.62
N ASP B 92 -1.03 -7.57 13.55
CA ASP B 92 -0.60 -8.81 12.88
C ASP B 92 0.45 -9.58 13.72
N PHE B 93 1.41 -8.87 14.30
CA PHE B 93 2.32 -9.48 15.28
C PHE B 93 1.55 -10.19 16.41
N ARG B 94 0.53 -9.53 16.98
CA ARG B 94 -0.17 -10.05 18.15
C ARG B 94 -1.02 -11.25 17.70
N ARG B 95 -1.58 -11.18 16.51
CA ARG B 95 -2.31 -12.30 15.94
C ARG B 95 -1.40 -13.55 15.84
N ARG B 96 -0.10 -13.35 15.71
CA ARG B 96 0.89 -14.41 15.69
C ARG B 96 1.58 -14.55 17.05
N GLY B 97 1.10 -13.88 18.11
CA GLY B 97 1.59 -14.18 19.45
C GLY B 97 3.00 -13.63 19.72
N VAL B 98 3.42 -12.64 18.92
CA VAL B 98 4.73 -12.03 19.06
C VAL B 98 4.63 -10.84 20.02
N ASP B 99 5.58 -10.76 20.94
CA ASP B 99 5.74 -9.72 21.92
C ASP B 99 6.39 -8.53 21.23
N VAL B 100 5.70 -7.38 21.27
CA VAL B 100 6.15 -6.18 20.54
C VAL B 100 6.50 -5.08 21.56
N SER B 101 6.73 -5.46 22.81
CA SER B 101 7.03 -4.43 23.80
C SER B 101 8.37 -3.72 23.53
N GLN B 102 9.27 -4.27 22.70
CA GLN B 102 10.58 -3.62 22.50
C GLN B 102 10.62 -2.91 21.17
N VAL B 103 9.45 -2.73 20.53
CA VAL B 103 9.43 -1.89 19.33
C VAL B 103 10.04 -0.53 19.62
N ALA B 104 10.82 0.01 18.68
CA ALA B 104 11.40 1.32 18.93
C ALA B 104 10.59 2.33 18.13
N TRP B 105 9.67 3.01 18.83
CA TRP B 105 8.75 3.94 18.19
C TRP B 105 9.48 5.23 17.78
N GLN B 106 9.18 5.78 16.60
CA GLN B 106 10.02 6.83 16.05
C GLN B 106 9.15 8.06 15.84
N SER B 107 9.77 9.24 15.89
CA SER B 107 9.00 10.46 15.64
C SER B 107 9.09 10.94 14.19
N LYS B 108 10.14 10.55 13.46
CA LYS B 108 10.27 10.93 12.05
C LYS B 108 10.16 9.65 11.20
N GLY B 109 9.51 9.77 10.01
CA GLY B 109 9.55 8.80 8.92
C GLY B 109 8.28 7.94 8.91
N ASP B 110 8.12 7.10 7.88
CA ASP B 110 6.90 6.29 7.81
C ASP B 110 7.28 4.85 8.16
N THR B 111 6.34 4.14 8.76
CA THR B 111 6.48 2.70 8.90
C THR B 111 6.64 2.13 7.49
N PRO B 112 7.68 1.31 7.22
CA PRO B 112 7.94 0.84 5.87
C PRO B 112 6.73 0.14 5.26
N SER B 113 6.45 0.43 3.99
CA SER B 113 5.35 -0.19 3.31
C SER B 113 5.81 -0.47 1.89
N SER B 114 5.53 -1.65 1.34
CA SER B 114 5.97 -1.94 -0.03
C SER B 114 4.80 -2.37 -0.88
N CYS B 115 4.95 -2.18 -2.18
CA CYS B 115 3.94 -2.52 -3.16
C CYS B 115 4.54 -3.62 -4.04
N CYS B 116 3.90 -4.79 -4.04
N CYS B 116 3.91 -4.79 -4.01
CA CYS B 116 4.47 -5.89 -4.79
CA CYS B 116 4.38 -5.89 -4.84
C CYS B 116 3.41 -6.35 -5.82
C CYS B 116 3.31 -6.22 -5.86
N ILE B 117 3.73 -6.25 -7.13
CA ILE B 117 2.81 -6.57 -8.20
C ILE B 117 3.26 -7.89 -8.80
N ILE B 118 2.36 -8.88 -8.77
CA ILE B 118 2.68 -10.21 -9.24
C ILE B 118 1.88 -10.47 -10.54
N ASN B 119 2.61 -10.73 -11.64
CA ASN B 119 1.96 -11.02 -12.90
C ASN B 119 1.40 -12.45 -12.86
N ASN B 120 0.09 -12.57 -13.06
CA ASN B 120 -0.51 -13.89 -12.95
C ASN B 120 -0.05 -14.77 -14.11
N SER B 121 0.27 -14.14 -15.26
CA SER B 121 0.85 -14.84 -16.41
C SER B 121 2.10 -15.63 -16.00
N ASN B 122 3.13 -14.90 -15.56
CA ASN B 122 4.48 -15.43 -15.53
C ASN B 122 5.07 -15.44 -14.13
N GLY B 123 4.29 -15.06 -13.11
CA GLY B 123 4.75 -15.16 -11.72
C GLY B 123 5.79 -14.09 -11.32
N ASN B 124 6.20 -13.24 -12.27
CA ASN B 124 7.14 -12.15 -12.04
C ASN B 124 6.60 -11.16 -11.01
N ARG B 125 7.52 -10.72 -10.15
CA ARG B 125 7.30 -9.81 -9.05
C ARG B 125 7.99 -8.51 -9.42
N THR B 126 7.17 -7.47 -9.61
CA THR B 126 7.70 -6.11 -9.63
C THR B 126 7.52 -5.50 -8.24
N ILE B 127 8.58 -4.93 -7.66
CA ILE B 127 8.44 -4.48 -6.28
C ILE B 127 8.75 -2.98 -6.19
N VAL B 128 7.83 -2.21 -5.59
CA VAL B 128 8.16 -0.86 -5.17
C VAL B 128 8.44 -0.88 -3.68
N LEU B 129 9.73 -0.81 -3.32
CA LEU B 129 10.22 -1.04 -1.98
C LEU B 129 10.01 0.20 -1.13
N HIS B 130 9.92 -0.03 0.18
CA HIS B 130 9.52 1.00 1.12
C HIS B 130 10.56 2.13 1.07
N ASP B 131 10.20 3.31 1.54
CA ASP B 131 11.25 4.32 1.58
C ASP B 131 12.20 4.08 2.76
N THR B 132 13.22 4.93 2.82
CA THR B 132 14.14 4.81 3.93
C THR B 132 13.99 5.97 4.93
N SER B 133 12.80 6.55 5.06
CA SER B 133 12.63 7.63 6.02
C SER B 133 12.67 7.16 7.48
N LEU B 134 12.40 5.91 7.82
CA LEU B 134 12.32 5.63 9.24
C LEU B 134 13.69 5.25 9.77
N PRO B 135 14.22 5.86 10.85
CA PRO B 135 15.55 5.50 11.33
C PRO B 135 15.48 4.08 11.88
N ASP B 136 16.56 3.33 11.68
CA ASP B 136 16.78 1.98 12.14
C ASP B 136 16.99 1.98 13.64
N VAL B 137 16.84 0.82 14.31
CA VAL B 137 17.16 0.78 15.72
C VAL B 137 18.63 1.14 15.87
N SER B 138 18.97 2.04 16.81
CA SER B 138 20.36 2.46 17.04
C SER B 138 20.96 1.71 18.23
N ALA B 139 22.29 1.78 18.38
CA ALA B 139 22.98 1.21 19.53
C ALA B 139 22.49 1.84 20.83
N THR B 140 22.19 3.15 20.81
CA THR B 140 21.66 3.78 22.02
C THR B 140 20.21 3.33 22.26
N ASP B 141 19.43 3.04 21.23
CA ASP B 141 18.15 2.45 21.58
C ASP B 141 18.39 1.10 22.25
N PHE B 142 19.37 0.32 21.75
CA PHE B 142 19.62 -1.01 22.28
C PHE B 142 20.11 -0.98 23.73
N GLU B 143 20.94 0.03 24.08
CA GLU B 143 21.55 0.08 25.42
C GLU B 143 20.49 0.10 26.52
N LYS B 144 19.29 0.59 26.19
CA LYS B 144 18.25 0.76 27.19
C LYS B 144 17.42 -0.49 27.34
N VAL B 145 17.78 -1.60 26.68
CA VAL B 145 16.92 -2.76 26.81
C VAL B 145 17.55 -3.66 27.85
N ASP B 146 16.74 -4.15 28.78
CA ASP B 146 17.18 -5.09 29.80
C ASP B 146 17.25 -6.42 29.04
N LEU B 147 18.42 -7.08 28.93
CA LEU B 147 18.61 -8.31 28.13
C LEU B 147 18.18 -9.57 28.86
N THR B 148 17.88 -9.52 30.16
CA THR B 148 17.83 -10.75 30.93
C THR B 148 16.66 -11.65 30.51
N GLN B 149 15.61 -11.06 29.93
CA GLN B 149 14.45 -11.92 29.65
C GLN B 149 14.74 -12.77 28.38
N PHE B 150 15.86 -12.50 27.66
CA PHE B 150 16.16 -13.20 26.40
C PHE B 150 17.18 -14.33 26.59
N LYS B 151 16.98 -15.49 25.94
CA LYS B 151 17.98 -16.56 25.95
C LYS B 151 18.69 -16.56 24.58
N TRP B 152 18.11 -15.88 23.57
CA TRP B 152 18.75 -15.88 22.27
C TRP B 152 18.44 -14.55 21.65
N ILE B 153 19.40 -13.92 20.98
CA ILE B 153 19.06 -12.72 20.26
C ILE B 153 19.60 -12.89 18.85
N HIS B 154 18.72 -12.68 17.83
CA HIS B 154 19.01 -12.90 16.44
C HIS B 154 19.01 -11.51 15.79
N ILE B 155 20.09 -11.17 15.07
CA ILE B 155 20.08 -9.82 14.47
C ILE B 155 20.12 -9.93 12.95
N GLU B 156 19.09 -9.37 12.31
CA GLU B 156 19.09 -9.19 10.84
C GLU B 156 19.97 -8.01 10.43
N GLY B 157 21.03 -8.32 9.69
CA GLY B 157 22.04 -7.32 9.33
C GLY B 157 21.43 -6.20 8.50
N ARG B 158 21.47 -4.98 9.06
CA ARG B 158 20.97 -3.84 8.32
C ARG B 158 21.90 -2.65 8.50
N ASN B 159 21.76 -1.87 9.58
CA ASN B 159 22.63 -0.73 9.86
C ASN B 159 23.83 -1.24 10.67
N ALA B 160 24.84 -1.82 9.99
CA ALA B 160 25.79 -2.72 10.64
C ALA B 160 26.65 -2.08 11.73
N SER B 161 27.15 -0.87 11.48
CA SER B 161 28.05 -0.27 12.46
C SER B 161 27.31 -0.01 13.78
N GLU B 162 26.01 0.33 13.74
CA GLU B 162 25.28 0.36 15.02
C GLU B 162 25.09 -1.05 15.53
N GLN B 163 24.81 -2.04 14.63
CA GLN B 163 24.53 -3.40 15.13
C GLN B 163 25.80 -4.02 15.69
N VAL B 164 26.96 -3.55 15.20
CA VAL B 164 28.19 -4.04 15.85
C VAL B 164 28.23 -3.71 17.35
N LYS B 165 27.76 -2.50 17.69
CA LYS B 165 27.83 -2.13 19.10
C LYS B 165 26.81 -2.91 19.91
N MET B 166 25.66 -3.23 19.27
CA MET B 166 24.68 -4.01 20.02
C MET B 166 25.30 -5.33 20.38
N LEU B 167 25.89 -5.94 19.32
CA LEU B 167 26.58 -7.22 19.50
C LEU B 167 27.66 -7.18 20.59
N GLN B 168 28.49 -6.15 20.58
CA GLN B 168 29.49 -5.99 21.67
C GLN B 168 28.80 -5.79 23.04
N ARG B 169 27.62 -5.12 23.03
CA ARG B 169 26.92 -4.99 24.31
C ARG B 169 26.48 -6.37 24.76
N ILE B 170 26.08 -7.25 23.82
CA ILE B 170 25.63 -8.58 24.30
C ILE B 170 26.87 -9.32 24.81
N ASP B 171 27.99 -9.18 24.08
CA ASP B 171 29.22 -9.85 24.55
C ASP B 171 29.57 -9.38 25.96
N ALA B 172 29.52 -8.07 26.14
CA ALA B 172 29.85 -7.59 27.50
C ALA B 172 28.89 -8.23 28.50
N HIS B 173 27.58 -8.27 28.22
CA HIS B 173 26.70 -8.94 29.18
C HIS B 173 27.15 -10.36 29.48
N ASN B 174 27.50 -11.11 28.40
CA ASN B 174 27.74 -12.55 28.54
C ASN B 174 28.99 -12.83 29.34
N THR B 175 29.98 -11.94 29.25
CA THR B 175 31.21 -12.22 30.00
C THR B 175 30.93 -12.26 31.50
N ARG B 176 29.85 -11.59 31.96
CA ARG B 176 29.52 -11.58 33.37
C ARG B 176 28.57 -12.71 33.71
N GLN B 177 28.15 -13.54 32.74
CA GLN B 177 27.15 -14.50 33.19
C GLN B 177 27.79 -15.85 33.40
N PRO B 178 27.25 -16.67 34.33
CA PRO B 178 27.51 -18.12 34.29
C PRO B 178 27.10 -18.75 32.97
N PRO B 179 27.84 -19.74 32.39
CA PRO B 179 27.49 -20.35 31.10
C PRO B 179 26.00 -20.58 30.71
N GLU B 180 25.12 -20.90 31.68
CA GLU B 180 23.71 -21.18 31.49
C GLU B 180 22.86 -19.90 31.55
N GLN B 181 23.47 -18.75 31.79
CA GLN B 181 22.72 -17.54 31.61
C GLN B 181 23.35 -16.73 30.50
N LYS B 182 24.18 -17.42 29.69
CA LYS B 182 24.77 -16.69 28.57
C LYS B 182 23.67 -16.57 27.50
N ILE B 183 23.57 -15.43 26.83
CA ILE B 183 22.55 -15.28 25.81
C ILE B 183 23.20 -15.70 24.48
N ARG B 184 22.64 -16.71 23.78
CA ARG B 184 23.23 -17.06 22.47
C ARG B 184 22.86 -16.03 21.40
N VAL B 185 23.72 -15.88 20.41
CA VAL B 185 23.50 -14.77 19.47
C VAL B 185 23.59 -15.30 18.03
N SER B 186 22.72 -14.83 17.12
CA SER B 186 22.89 -15.15 15.72
C SER B 186 22.77 -13.88 14.92
N VAL B 187 23.24 -13.91 13.69
CA VAL B 187 23.28 -12.74 12.82
C VAL B 187 22.95 -13.29 11.41
N GLU B 188 22.22 -12.51 10.61
CA GLU B 188 21.95 -12.91 9.25
C GLU B 188 22.54 -11.83 8.36
N VAL B 189 23.25 -12.24 7.31
CA VAL B 189 23.74 -11.32 6.29
C VAL B 189 23.08 -11.76 4.99
N GLU B 190 22.02 -11.04 4.61
CA GLU B 190 21.13 -11.55 3.59
C GLU B 190 21.17 -10.61 2.40
N LYS B 191 21.71 -9.41 2.60
CA LYS B 191 21.73 -8.46 1.48
C LYS B 191 23.18 -8.29 1.04
N PRO B 192 23.45 -8.31 -0.29
CA PRO B 192 24.83 -8.17 -0.75
C PRO B 192 25.35 -6.74 -0.59
N ARG B 193 25.48 -6.24 0.65
CA ARG B 193 25.98 -4.89 0.91
C ARG B 193 27.29 -4.98 1.68
N GLU B 194 28.27 -4.22 1.24
CA GLU B 194 29.62 -4.36 1.76
C GLU B 194 29.66 -4.10 3.28
N GLU B 195 28.88 -3.11 3.75
CA GLU B 195 28.92 -2.72 5.16
C GLU B 195 28.53 -3.91 6.05
N LEU B 196 27.68 -4.83 5.54
CA LEU B 196 27.21 -5.97 6.33
C LEU B 196 28.33 -6.97 6.57
N PHE B 197 29.38 -7.00 5.71
CA PHE B 197 30.39 -8.04 5.80
C PHE B 197 31.04 -8.13 7.18
N GLN B 198 31.22 -7.00 7.89
CA GLN B 198 31.84 -7.04 9.23
C GLN B 198 30.97 -7.78 10.23
N LEU B 199 29.67 -7.98 9.94
CA LEU B 199 28.89 -8.75 10.89
C LEU B 199 29.29 -10.22 10.94
N PHE B 200 29.95 -10.77 9.91
CA PHE B 200 30.39 -12.16 9.92
C PHE B 200 31.18 -12.47 11.20
N GLY B 201 31.91 -11.46 11.68
CA GLY B 201 32.73 -11.68 12.84
C GLY B 201 31.98 -11.68 14.19
N TYR B 202 30.63 -11.61 14.21
CA TYR B 202 29.94 -11.68 15.50
C TYR B 202 28.94 -12.81 15.49
N GLY B 203 28.54 -13.25 16.67
CA GLY B 203 27.48 -14.25 16.78
C GLY B 203 28.08 -15.65 16.88
N ASP B 204 27.40 -16.49 17.64
CA ASP B 204 27.55 -17.92 17.70
C ASP B 204 27.11 -18.57 16.39
N VAL B 205 26.06 -18.01 15.75
CA VAL B 205 25.58 -18.62 14.50
C VAL B 205 25.49 -17.48 13.53
N VAL B 206 26.04 -17.67 12.35
CA VAL B 206 25.95 -16.68 11.30
C VAL B 206 25.25 -17.32 10.11
N PHE B 207 24.18 -16.68 9.63
CA PHE B 207 23.48 -17.16 8.45
C PHE B 207 23.94 -16.28 7.31
N VAL B 208 24.29 -16.88 6.16
CA VAL B 208 24.61 -16.04 5.02
C VAL B 208 23.73 -16.52 3.88
N SER B 209 23.20 -15.58 3.09
CA SER B 209 22.21 -16.00 2.12
C SER B 209 22.90 -16.49 0.84
N LYS B 210 22.11 -17.20 0.05
CA LYS B 210 22.58 -17.65 -1.27
C LYS B 210 22.86 -16.43 -2.13
N ASP B 211 22.00 -15.43 -2.08
N ASP B 211 21.98 -15.44 -2.08
CA ASP B 211 22.18 -14.26 -2.92
CA ASP B 211 22.14 -14.25 -2.89
C ASP B 211 23.50 -13.57 -2.57
C ASP B 211 23.48 -13.56 -2.57
N VAL B 212 23.82 -13.48 -1.27
CA VAL B 212 25.10 -12.90 -0.85
C VAL B 212 26.29 -13.75 -1.32
N ALA B 213 26.26 -15.06 -1.08
CA ALA B 213 27.31 -15.99 -1.53
C ALA B 213 27.57 -15.85 -3.03
N LYS B 214 26.50 -15.85 -3.82
CA LYS B 214 26.61 -15.66 -5.25
C LYS B 214 27.20 -14.29 -5.61
N HIS B 215 26.79 -13.22 -4.91
N HIS B 215 26.78 -13.21 -4.91
CA HIS B 215 27.39 -11.93 -5.20
CA HIS B 215 27.38 -11.88 -5.06
C HIS B 215 28.88 -11.91 -4.84
C HIS B 215 28.89 -11.96 -4.88
N LEU B 216 29.33 -12.78 -3.93
CA LEU B 216 30.76 -12.84 -3.65
C LEU B 216 31.46 -13.83 -4.57
N GLY B 217 30.77 -14.37 -5.58
CA GLY B 217 31.36 -15.27 -6.57
C GLY B 217 31.41 -16.75 -6.16
N PHE B 218 30.63 -17.11 -5.14
CA PHE B 218 30.59 -18.54 -4.80
C PHE B 218 29.42 -19.20 -5.48
N GLN B 219 29.63 -20.46 -5.94
CA GLN B 219 28.69 -21.11 -6.81
C GLN B 219 27.94 -22.20 -6.08
N SER B 220 28.23 -22.42 -4.80
CA SER B 220 27.49 -23.44 -4.06
C SER B 220 27.58 -23.12 -2.58
N ALA B 221 26.77 -23.81 -1.76
CA ALA B 221 26.85 -23.58 -0.34
C ALA B 221 28.22 -24.01 0.19
N GLU B 222 28.76 -25.12 -0.35
CA GLU B 222 30.05 -25.68 0.08
C GLU B 222 31.12 -24.62 -0.11
N GLU B 223 31.15 -24.04 -1.31
CA GLU B 223 32.13 -23.03 -1.68
C GLU B 223 32.00 -21.79 -0.78
N ALA B 224 30.77 -21.30 -0.57
CA ALA B 224 30.49 -20.18 0.35
C ALA B 224 31.02 -20.45 1.76
N LEU B 225 30.68 -21.62 2.37
CA LEU B 225 31.11 -21.86 3.73
C LEU B 225 32.64 -21.93 3.82
N ARG B 226 33.28 -22.67 2.90
CA ARG B 226 34.72 -22.89 3.01
C ARG B 226 35.39 -21.54 2.75
N GLY B 227 34.77 -20.74 1.91
CA GLY B 227 35.42 -19.49 1.52
C GLY B 227 35.18 -18.37 2.54
N LEU B 228 34.18 -18.50 3.43
CA LEU B 228 33.82 -17.35 4.26
C LEU B 228 34.08 -17.68 5.73
N TYR B 229 34.35 -18.96 6.03
CA TYR B 229 34.51 -19.34 7.40
C TYR B 229 35.63 -18.56 8.10
N GLY B 230 36.71 -18.25 7.37
CA GLY B 230 37.75 -17.36 7.88
C GLY B 230 37.23 -16.08 8.54
N ARG B 231 36.00 -15.67 8.25
CA ARG B 231 35.52 -14.34 8.66
C ARG B 231 34.75 -14.38 9.98
N VAL B 232 34.52 -15.57 10.55
CA VAL B 232 33.58 -15.69 11.66
C VAL B 232 34.44 -15.72 12.91
N ARG B 233 33.87 -15.44 14.08
CA ARG B 233 34.66 -15.45 15.29
C ARG B 233 34.90 -16.90 15.68
N LYS B 234 36.00 -17.15 16.45
CA LYS B 234 36.39 -18.49 16.88
C LYS B 234 35.20 -19.13 17.57
N GLY B 235 34.98 -20.40 17.24
CA GLY B 235 33.91 -21.20 17.82
C GLY B 235 32.57 -21.07 17.04
N ALA B 236 32.41 -20.15 16.09
CA ALA B 236 31.10 -19.92 15.48
C ALA B 236 30.74 -20.96 14.43
N VAL B 237 29.43 -21.10 14.19
CA VAL B 237 28.88 -21.93 13.12
C VAL B 237 28.35 -21.03 12.03
N LEU B 238 28.86 -21.22 10.81
CA LEU B 238 28.40 -20.51 9.62
C LEU B 238 27.43 -21.44 8.83
N VAL B 239 26.27 -20.86 8.47
CA VAL B 239 25.08 -21.51 7.92
C VAL B 239 24.68 -20.86 6.60
N CYS B 240 24.51 -21.71 5.53
CA CYS B 240 24.15 -21.19 4.20
C CYS B 240 23.12 -22.12 3.53
N ALA B 241 21.86 -21.64 3.42
CA ALA B 241 20.75 -22.37 2.82
C ALA B 241 20.79 -22.08 1.33
N TRP B 242 20.49 -23.08 0.48
CA TRP B 242 20.64 -22.84 -0.94
C TRP B 242 19.37 -23.32 -1.66
N ALA B 243 18.23 -22.82 -1.18
CA ALA B 243 16.90 -23.09 -1.75
C ALA B 243 16.70 -24.60 -1.86
N GLU B 244 16.29 -25.07 -3.06
CA GLU B 244 16.00 -26.49 -3.30
C GLU B 244 17.22 -27.39 -3.13
N GLU B 245 18.45 -26.85 -3.03
CA GLU B 245 19.61 -27.73 -2.81
C GLU B 245 19.86 -27.93 -1.32
N GLY B 246 18.91 -27.50 -0.47
CA GLY B 246 18.97 -27.76 0.96
C GLY B 246 19.92 -26.78 1.65
N ALA B 247 20.64 -27.21 2.70
CA ALA B 247 21.51 -26.21 3.37
C ALA B 247 22.76 -26.90 3.94
N ASP B 248 23.82 -26.13 4.16
CA ASP B 248 25.03 -26.59 4.83
C ASP B 248 25.35 -25.76 6.08
N ALA B 249 26.07 -26.34 7.06
CA ALA B 249 26.62 -25.57 8.16
C ALA B 249 28.09 -25.97 8.31
N LEU B 250 28.91 -25.05 8.82
CA LEU B 250 30.30 -25.41 9.10
C LEU B 250 30.70 -24.75 10.42
N GLY B 251 31.14 -25.57 11.35
CA GLY B 251 31.60 -25.09 12.63
C GLY B 251 33.14 -25.25 12.81
N PRO B 252 33.65 -25.04 14.06
CA PRO B 252 35.09 -25.05 14.34
C PRO B 252 35.80 -26.39 14.10
N ASP B 253 35.07 -27.50 14.21
CA ASP B 253 35.65 -28.78 13.85
C ASP B 253 35.92 -28.90 12.35
N GLY B 254 35.57 -27.94 11.49
CA GLY B 254 36.02 -28.12 10.10
C GLY B 254 35.16 -29.06 9.24
N LYS B 255 34.16 -29.79 9.83
CA LYS B 255 33.29 -30.71 9.09
C LYS B 255 32.12 -29.96 8.45
N LEU B 256 32.10 -29.95 7.12
CA LEU B 256 30.98 -29.39 6.37
C LEU B 256 29.77 -30.29 6.55
N LEU B 257 28.71 -29.80 7.21
CA LEU B 257 27.45 -30.57 7.37
C LEU B 257 26.40 -30.12 6.36
N HIS B 258 25.49 -31.03 6.01
CA HIS B 258 24.58 -30.76 4.91
C HIS B 258 23.28 -31.43 5.27
N SER B 259 22.17 -30.85 4.84
CA SER B 259 20.89 -31.55 4.81
C SER B 259 20.29 -31.23 3.44
N ASP B 260 19.68 -32.23 2.79
CA ASP B 260 18.96 -31.97 1.56
C ASP B 260 17.68 -31.20 1.93
N ALA B 261 16.97 -30.62 0.93
CA ALA B 261 15.69 -29.97 1.09
C ALA B 261 14.63 -31.05 1.22
N PHE B 262 13.48 -30.67 1.77
CA PHE B 262 12.30 -31.52 1.79
C PHE B 262 11.19 -30.85 0.99
N PRO B 263 11.28 -30.88 -0.37
CA PRO B 263 10.36 -30.17 -1.25
C PRO B 263 8.96 -30.74 -0.98
N PRO B 264 7.92 -29.87 -0.92
CA PRO B 264 6.56 -30.36 -0.69
C PRO B 264 6.00 -30.90 -2.01
N PRO B 265 4.89 -31.66 -1.95
CA PRO B 265 4.22 -32.16 -3.16
C PRO B 265 4.12 -31.12 -4.28
N ARG B 266 3.64 -29.91 -3.96
CA ARG B 266 3.57 -28.85 -4.95
C ARG B 266 4.03 -27.60 -4.21
N VAL B 267 4.85 -26.80 -4.89
CA VAL B 267 5.34 -25.54 -4.39
C VAL B 267 4.25 -24.49 -4.58
N VAL B 268 3.79 -23.90 -3.47
CA VAL B 268 2.75 -22.89 -3.46
C VAL B 268 3.35 -21.48 -3.22
N ASP B 269 4.32 -21.33 -2.32
CA ASP B 269 4.73 -20.00 -1.86
C ASP B 269 6.06 -20.11 -1.10
N THR B 270 7.13 -19.65 -1.75
CA THR B 270 8.45 -19.70 -1.17
C THR B 270 8.80 -18.40 -0.44
N LEU B 271 7.93 -17.38 -0.43
CA LEU B 271 8.31 -16.13 0.24
C LEU B 271 8.37 -16.37 1.74
N GLY B 272 9.54 -16.08 2.32
CA GLY B 272 9.74 -16.30 3.73
C GLY B 272 10.24 -17.71 4.04
N ALA B 273 10.57 -18.49 2.99
CA ALA B 273 11.20 -19.79 3.22
C ALA B 273 12.52 -19.66 3.98
N GLY B 274 13.37 -18.73 3.59
CA GLY B 274 14.68 -18.50 4.18
C GLY B 274 14.52 -18.00 5.64
N ASP B 275 13.46 -17.20 5.92
CA ASP B 275 13.17 -16.78 7.33
C ASP B 275 12.61 -17.93 8.12
N THR B 276 11.93 -18.87 7.46
CA THR B 276 11.39 -20.03 8.18
C THR B 276 12.56 -20.96 8.61
N PHE B 277 13.50 -21.09 7.67
CA PHE B 277 14.67 -21.91 7.88
C PHE B 277 15.46 -21.27 9.03
N ASN B 278 15.78 -19.98 8.91
CA ASN B 278 16.51 -19.29 9.97
C ASN B 278 15.89 -19.53 11.33
N ALA B 279 14.58 -19.29 11.45
CA ALA B 279 13.92 -19.33 12.75
C ALA B 279 13.93 -20.76 13.26
N SER B 280 13.81 -21.72 12.32
CA SER B 280 13.70 -23.11 12.78
C SER B 280 15.09 -23.65 13.20
N VAL B 281 16.18 -23.18 12.57
CA VAL B 281 17.54 -23.54 13.01
C VAL B 281 17.79 -22.95 14.40
N ILE B 282 17.47 -21.67 14.55
CA ILE B 282 17.61 -21.06 15.89
C ILE B 282 16.81 -21.83 16.92
N PHE B 283 15.58 -22.15 16.55
CA PHE B 283 14.73 -22.73 17.58
C PHE B 283 15.34 -24.07 18.02
N SER B 284 15.66 -24.88 17.01
CA SER B 284 16.26 -26.18 17.23
C SER B 284 17.54 -26.05 18.03
N LEU B 285 18.45 -25.13 17.65
CA LEU B 285 19.65 -24.99 18.47
C LEU B 285 19.28 -24.52 19.88
N SER B 286 18.25 -23.68 20.04
CA SER B 286 18.00 -23.14 21.37
C SER B 286 17.39 -24.25 22.20
N GLN B 287 16.85 -25.29 21.54
CA GLN B 287 16.34 -26.41 22.30
C GLN B 287 17.48 -27.36 22.69
N GLY B 288 18.72 -27.06 22.31
CA GLY B 288 19.76 -27.99 22.72
C GLY B 288 20.10 -29.05 21.65
N ARG B 289 19.56 -28.93 20.43
N ARG B 289 19.52 -28.96 20.44
CA ARG B 289 19.83 -29.96 19.43
CA ARG B 289 19.80 -29.95 19.40
C ARG B 289 21.19 -29.67 18.79
C ARG B 289 21.20 -29.69 18.84
N SER B 290 21.76 -30.68 18.11
CA SER B 290 23.06 -30.48 17.46
C SER B 290 22.85 -29.63 16.21
N VAL B 291 23.92 -29.09 15.64
CA VAL B 291 23.87 -28.39 14.38
C VAL B 291 23.27 -29.25 13.27
N GLN B 292 23.68 -30.54 13.18
CA GLN B 292 23.22 -31.36 12.08
C GLN B 292 21.68 -31.53 12.20
N GLU B 293 21.17 -31.72 13.42
CA GLU B 293 19.73 -31.79 13.68
C GLU B 293 19.04 -30.48 13.34
N ALA B 294 19.63 -29.34 13.72
CA ALA B 294 19.00 -28.06 13.49
C ALA B 294 18.92 -27.84 11.98
N LEU B 295 20.00 -28.24 11.30
CA LEU B 295 20.10 -28.01 9.86
C LEU B 295 18.98 -28.76 9.15
N ARG B 296 18.75 -29.97 9.63
CA ARG B 296 17.75 -30.81 9.02
C ARG B 296 16.35 -30.28 9.36
N PHE B 297 16.11 -29.95 10.63
CA PHE B 297 14.83 -29.41 11.08
C PHE B 297 14.54 -28.13 10.30
N GLY B 298 15.54 -27.27 10.12
CA GLY B 298 15.32 -26.09 9.32
C GLY B 298 14.87 -26.42 7.91
N CYS B 299 15.55 -27.42 7.29
CA CYS B 299 15.12 -27.75 5.93
C CYS B 299 13.71 -28.35 5.94
N GLN B 300 13.38 -29.17 6.93
CA GLN B 300 12.02 -29.70 6.86
C GLN B 300 10.99 -28.59 7.02
N VAL B 301 11.16 -27.67 8.01
CA VAL B 301 10.04 -26.77 8.23
C VAL B 301 9.94 -25.88 7.00
N ALA B 302 11.10 -25.49 6.45
CA ALA B 302 11.06 -24.53 5.38
C ALA B 302 10.39 -25.19 4.15
N GLY B 303 10.63 -26.48 3.98
CA GLY B 303 10.11 -27.14 2.78
C GLY B 303 8.59 -27.35 2.95
N LYS B 304 8.18 -27.71 4.16
CA LYS B 304 6.76 -27.67 4.47
C LYS B 304 6.16 -26.31 4.16
N LYS B 305 6.85 -25.24 4.59
CA LYS B 305 6.30 -23.92 4.39
C LYS B 305 6.07 -23.69 2.90
N CYS B 306 6.97 -24.21 2.06
CA CYS B 306 6.94 -23.76 0.68
C CYS B 306 5.68 -24.38 0.03
N GLY B 307 5.11 -25.37 0.68
CA GLY B 307 3.89 -25.97 0.15
C GLY B 307 2.60 -25.31 0.66
N LEU B 308 2.71 -24.19 1.40
CA LEU B 308 1.56 -23.59 2.06
C LEU B 308 1.54 -22.12 1.72
N GLN B 309 0.34 -21.52 1.74
CA GLN B 309 0.25 -20.07 1.54
C GLN B 309 0.52 -19.43 2.90
N GLY B 310 1.48 -18.48 2.98
CA GLY B 310 1.81 -17.92 4.28
C GLY B 310 2.36 -18.95 5.28
N PHE B 311 2.05 -18.74 6.55
CA PHE B 311 2.72 -19.46 7.62
C PHE B 311 1.73 -20.41 8.29
N ASP B 312 0.42 -20.31 7.99
CA ASP B 312 -0.50 -21.21 8.70
C ASP B 312 -0.16 -22.66 8.35
N GLY B 313 -0.10 -23.51 9.38
CA GLY B 313 0.05 -24.93 9.16
C GLY B 313 1.48 -25.42 9.04
N ILE B 314 2.49 -24.56 9.36
CA ILE B 314 3.89 -24.96 9.25
C ILE B 314 4.31 -26.05 10.24
N VAL B 315 3.68 -26.12 11.40
CA VAL B 315 3.72 -27.29 12.29
C VAL B 315 2.29 -27.67 12.67
#